data_6YHM
#
_entry.id   6YHM
#
_cell.length_a   41.981
_cell.length_b   50.160
_cell.length_c   69.728
_cell.angle_alpha   90.000
_cell.angle_beta   98.720
_cell.angle_gamma   90.000
#
_symmetry.space_group_name_H-M   'P 1 21 1'
#
loop_
_entity.id
_entity.type
_entity.pdbx_description
1 polymer 'Cytotoxic necrotizing factor'
2 non-polymer 'MAGNESIUM ION'
3 water water
#
_entity_poly.entity_id   1
_entity_poly.type   'polypeptide(L)'
_entity_poly.pdbx_seq_one_letter_code
;GSHMNVAEISSINFRRLNSGNINVLKGRGVFSSRRLREIYLRFDAANADELRPGDVYVKKTKFDSMGYDSHFYNEGIGIN
GAPTLNTYTGEYVADSSSQGATYWLKYNLTNETSIIKVSNSARGANGIKIALEEIEENKPVVITSGTLTGCTVVFARKGE
YFYAVHTGNSESLIGFTSTSGVAKAIEVLSSLSELEVPALPDVINNNTLVEYLSDNFDSALISYSSSSLKPNSMINISRE
NVSTFSYYTDDIQLPSFGTSVTILVRTNDNTVVRSLSESYTMNSNSSKMVVFNVLQKDF
;
_entity_poly.pdbx_strand_id   A
#
loop_
_chem_comp.id
_chem_comp.type
_chem_comp.name
_chem_comp.formula
MG non-polymer 'MAGNESIUM ION' 'Mg 2'
#
# COMPACT_ATOMS: atom_id res chain seq x y z
N MET A 4 -26.93 12.89 -10.42
CA MET A 4 -26.38 13.67 -9.33
C MET A 4 -25.06 14.31 -9.73
N ASN A 5 -24.70 15.41 -9.06
CA ASN A 5 -23.45 16.09 -9.38
C ASN A 5 -22.30 15.50 -8.57
N VAL A 6 -21.11 16.02 -8.85
CA VAL A 6 -19.89 15.49 -8.25
C VAL A 6 -19.94 15.63 -6.73
N ALA A 7 -20.43 16.75 -6.23
CA ALA A 7 -20.47 16.95 -4.78
C ALA A 7 -21.42 15.97 -4.11
N GLU A 8 -22.60 15.74 -4.69
N GLU A 8 -22.60 15.75 -4.69
CA GLU A 8 -23.57 14.83 -4.08
CA GLU A 8 -23.57 14.83 -4.10
C GLU A 8 -23.05 13.39 -4.08
C GLU A 8 -23.02 13.41 -4.08
N ILE A 9 -22.45 12.96 -5.21
CA ILE A 9 -21.90 11.61 -5.27
C ILE A 9 -20.75 11.48 -4.28
N SER A 10 -19.90 12.51 -4.17
CA SER A 10 -18.76 12.43 -3.29
C SER A 10 -19.17 12.37 -1.83
N SER A 11 -20.26 13.04 -1.45
CA SER A 11 -20.77 12.92 -0.09
CA SER A 11 -20.77 12.92 -0.09
C SER A 11 -21.35 11.54 0.16
N ILE A 12 -22.05 10.98 -0.83
CA ILE A 12 -22.47 9.59 -0.71
C ILE A 12 -21.25 8.70 -0.50
N ASN A 13 -20.18 8.92 -1.29
CA ASN A 13 -18.96 8.13 -1.14
C ASN A 13 -18.40 8.25 0.27
N PHE A 14 -18.36 9.47 0.83
CA PHE A 14 -17.89 9.63 2.18
C PHE A 14 -18.75 8.85 3.17
N ARG A 15 -20.07 8.94 3.05
CA ARG A 15 -20.91 8.23 4.00
C ARG A 15 -20.73 6.72 3.89
N ARG A 16 -20.51 6.19 2.68
CA ARG A 16 -20.24 4.76 2.55
C ARG A 16 -18.91 4.40 3.19
N LEU A 17 -17.85 5.14 2.88
CA LEU A 17 -16.56 4.92 3.51
C LEU A 17 -16.67 4.97 5.03
N ASN A 18 -17.36 6.00 5.54
CA ASN A 18 -17.45 6.24 6.97
C ASN A 18 -18.27 5.19 7.69
N SER A 19 -19.01 4.36 6.96
CA SER A 19 -19.68 3.20 7.54
CA SER A 19 -19.70 3.19 7.50
C SER A 19 -18.82 1.95 7.47
N GLY A 20 -17.59 2.07 7.00
CA GLY A 20 -16.70 0.91 6.90
C GLY A 20 -16.97 0.04 5.70
N ASN A 21 -17.51 0.60 4.63
CA ASN A 21 -17.86 -0.18 3.44
C ASN A 21 -16.74 -0.10 2.41
N ILE A 22 -15.96 -1.18 2.30
CA ILE A 22 -14.84 -1.26 1.36
C ILE A 22 -15.29 -1.13 -0.09
N ASN A 23 -16.55 -1.44 -0.37
CA ASN A 23 -17.00 -1.44 -1.76
C ASN A 23 -17.06 -0.05 -2.37
N VAL A 24 -16.95 1.01 -1.56
CA VAL A 24 -16.80 2.34 -2.12
C VAL A 24 -15.54 2.46 -2.96
N LEU A 25 -14.57 1.54 -2.80
CA LEU A 25 -13.35 1.54 -3.58
C LEU A 25 -13.29 0.41 -4.59
N LYS A 26 -14.37 -0.37 -4.76
CA LYS A 26 -14.34 -1.56 -5.59
C LYS A 26 -14.68 -1.23 -7.04
N GLY A 27 -13.77 -1.55 -7.95
N GLY A 27 -13.76 -1.54 -7.96
CA GLY A 27 -14.03 -1.35 -9.36
CA GLY A 27 -13.95 -1.36 -9.40
C GLY A 27 -14.05 0.08 -9.81
C GLY A 27 -13.67 0.03 -9.93
N ARG A 28 -13.42 0.99 -9.06
CA ARG A 28 -13.30 2.39 -9.44
C ARG A 28 -11.88 2.79 -9.82
N GLY A 29 -10.99 1.81 -10.03
CA GLY A 29 -9.67 2.07 -10.55
C GLY A 29 -8.70 2.52 -9.49
N VAL A 30 -7.51 2.85 -9.97
CA VAL A 30 -6.41 3.23 -9.11
C VAL A 30 -6.54 4.69 -8.68
N PHE A 31 -5.90 5.02 -7.57
CA PHE A 31 -5.77 6.41 -7.19
C PHE A 31 -4.47 6.65 -6.44
N SER A 32 -3.94 7.84 -6.62
CA SER A 32 -2.85 8.36 -5.82
CA SER A 32 -2.75 8.33 -5.93
C SER A 32 -2.72 9.83 -6.18
N SER A 33 -1.92 10.53 -5.39
CA SER A 33 -1.71 11.95 -5.58
C SER A 33 -0.34 12.25 -5.03
N ARG A 34 0.32 13.25 -5.60
N ARG A 34 0.31 13.26 -5.61
CA ARG A 34 1.56 13.75 -5.03
CA ARG A 34 1.55 13.77 -5.06
C ARG A 34 1.33 14.95 -4.13
C ARG A 34 1.30 14.77 -3.95
N ARG A 35 0.07 15.28 -3.84
CA ARG A 35 -0.25 16.35 -2.92
C ARG A 35 0.10 15.94 -1.49
N LEU A 36 0.61 16.89 -0.72
CA LEU A 36 1.04 16.63 0.66
C LEU A 36 0.39 17.64 1.60
N ARG A 37 -0.69 17.23 2.29
CA ARG A 37 -1.35 17.99 3.34
C ARG A 37 -1.29 17.20 4.64
N GLU A 38 -1.02 17.87 5.76
CA GLU A 38 -0.97 17.17 7.03
C GLU A 38 -2.34 16.64 7.40
N ILE A 39 -2.40 15.39 7.86
CA ILE A 39 -3.63 14.77 8.31
C ILE A 39 -3.57 14.63 9.83
N TYR A 40 -4.71 14.26 10.43
CA TYR A 40 -4.79 14.21 11.88
C TYR A 40 -3.98 13.08 12.48
N LEU A 41 -3.76 12.01 11.74
CA LEU A 41 -3.23 10.77 12.28
C LEU A 41 -1.71 10.77 12.22
N ARG A 42 -1.08 10.48 13.35
CA ARG A 42 0.37 10.24 13.41
C ARG A 42 0.61 8.74 13.28
N PHE A 43 1.66 8.36 12.55
CA PHE A 43 2.03 6.96 12.41
C PHE A 43 3.55 6.87 12.39
N ASP A 44 4.06 5.68 12.72
CA ASP A 44 5.48 5.41 12.56
C ASP A 44 5.74 5.11 11.07
N ALA A 45 6.84 5.62 10.53
CA ALA A 45 7.23 5.36 9.15
C ALA A 45 8.67 4.88 9.11
N ALA A 46 8.96 4.03 8.12
CA ALA A 46 10.30 3.47 8.02
C ALA A 46 10.66 3.24 6.55
N ASN A 47 11.96 3.36 6.28
CA ASN A 47 12.51 3.21 4.93
C ASN A 47 13.75 2.33 5.00
N ALA A 48 13.86 1.37 4.09
CA ALA A 48 15.06 0.56 3.94
C ALA A 48 15.38 0.49 2.46
N ASP A 49 16.59 0.90 2.09
CA ASP A 49 16.96 1.06 0.69
C ASP A 49 18.38 0.56 0.50
N GLU A 50 18.62 -0.14 -0.61
CA GLU A 50 19.96 -0.65 -0.92
C GLU A 50 21.02 0.44 -0.94
N LEU A 51 20.65 1.67 -1.28
CA LEU A 51 21.63 2.75 -1.32
C LEU A 51 22.09 3.16 0.06
N ARG A 52 21.38 2.75 1.11
CA ARG A 52 21.69 3.13 2.49
C ARG A 52 21.74 1.86 3.33
N PRO A 53 22.74 1.01 3.09
CA PRO A 53 22.89 -0.19 3.93
C PRO A 53 23.09 0.19 5.39
N GLY A 54 22.58 -0.66 6.28
CA GLY A 54 22.68 -0.43 7.71
C GLY A 54 21.29 -0.37 8.35
N ASP A 55 21.17 0.48 9.37
CA ASP A 55 19.91 0.59 10.08
C ASP A 55 18.80 1.10 9.17
N VAL A 56 17.61 0.55 9.38
CA VAL A 56 16.40 1.11 8.78
C VAL A 56 16.21 2.53 9.29
N TYR A 57 15.83 3.45 8.39
CA TYR A 57 15.50 4.81 8.77
C TYR A 57 14.09 4.86 9.33
N VAL A 58 13.93 5.48 10.49
CA VAL A 58 12.64 5.56 11.14
C VAL A 58 12.25 7.02 11.36
N LYS A 59 10.97 7.31 11.16
N LYS A 59 10.96 7.30 11.25
CA LYS A 59 10.38 8.63 11.36
CA LYS A 59 10.44 8.62 11.54
C LYS A 59 9.14 8.45 12.21
C LYS A 59 9.14 8.48 12.32
N LYS A 60 9.07 9.13 13.36
N LYS A 60 9.08 9.13 13.49
CA LYS A 60 7.92 9.07 14.25
CA LYS A 60 7.91 9.07 14.36
C LYS A 60 7.08 10.34 14.22
C LYS A 60 7.17 10.39 14.44
N THR A 61 7.64 11.45 13.80
CA THR A 61 6.90 12.70 13.73
C THR A 61 5.91 12.67 12.57
N LYS A 62 4.87 13.48 12.69
CA LYS A 62 3.85 13.55 11.64
C LYS A 62 4.45 14.04 10.33
N PHE A 63 3.87 13.58 9.22
CA PHE A 63 4.17 14.14 7.91
C PHE A 63 3.55 15.53 7.82
N ASP A 64 4.36 16.52 7.50
CA ASP A 64 3.90 17.89 7.37
C ASP A 64 4.18 18.38 5.95
N SER A 65 3.74 19.60 5.68
CA SER A 65 3.82 20.21 4.37
C SER A 65 5.05 21.08 4.22
N MET A 66 5.97 21.06 5.21
N MET A 66 5.97 21.07 5.19
CA MET A 66 7.09 21.98 5.29
CA MET A 66 7.06 22.03 5.25
C MET A 66 8.37 21.41 4.72
C MET A 66 8.33 21.54 4.56
N GLY A 67 8.26 20.42 3.83
CA GLY A 67 9.43 19.92 3.15
C GLY A 67 9.51 18.41 3.15
N TYR A 68 9.97 17.85 2.05
CA TYR A 68 10.04 16.40 1.90
C TYR A 68 11.29 15.81 2.56
N ASP A 69 11.12 14.76 3.34
CA ASP A 69 12.23 13.95 3.85
C ASP A 69 12.75 13.10 2.70
N SER A 70 14.05 13.22 2.41
CA SER A 70 14.62 12.54 1.24
C SER A 70 14.50 11.02 1.34
N HIS A 71 14.40 10.47 2.54
CA HIS A 71 14.21 9.02 2.67
C HIS A 71 12.85 8.60 2.12
N PHE A 72 11.92 9.52 2.02
CA PHE A 72 10.56 9.30 1.55
C PHE A 72 10.31 10.09 0.27
N TYR A 73 11.34 10.15 -0.58
CA TYR A 73 11.28 10.90 -1.83
C TYR A 73 12.11 10.15 -2.85
N ASN A 74 11.75 10.33 -4.12
CA ASN A 74 12.48 9.69 -5.22
C ASN A 74 12.67 10.73 -6.32
N GLU A 75 13.90 11.22 -6.45
CA GLU A 75 14.20 12.22 -7.46
C GLU A 75 13.95 11.70 -8.87
N GLY A 76 13.89 10.39 -9.05
CA GLY A 76 13.74 9.80 -10.37
C GLY A 76 12.33 9.66 -10.87
N ILE A 77 11.34 9.99 -10.05
CA ILE A 77 9.93 9.88 -10.43
C ILE A 77 9.52 11.20 -11.04
N GLY A 78 8.81 11.15 -12.15
CA GLY A 78 8.37 12.37 -12.78
C GLY A 78 9.52 13.14 -13.39
N ILE A 79 9.21 14.36 -13.80
CA ILE A 79 10.23 15.20 -14.41
C ILE A 79 11.15 15.82 -13.37
N ASN A 80 10.71 15.92 -12.12
CA ASN A 80 11.49 16.61 -11.10
C ASN A 80 11.22 16.01 -9.72
N GLY A 81 11.03 14.70 -9.66
CA GLY A 81 10.93 13.99 -8.40
C GLY A 81 9.53 13.97 -7.82
N ALA A 82 9.34 13.07 -6.87
CA ALA A 82 8.03 12.91 -6.24
C ALA A 82 8.19 12.24 -4.89
N PRO A 83 7.31 12.54 -3.94
CA PRO A 83 7.33 11.80 -2.67
C PRO A 83 6.99 10.34 -2.89
N THR A 84 7.56 9.49 -2.05
CA THR A 84 7.22 8.08 -2.01
C THR A 84 6.35 7.74 -0.80
N LEU A 85 6.08 8.70 0.06
CA LEU A 85 5.14 8.54 1.17
C LEU A 85 4.57 9.94 1.38
N ASN A 86 3.25 10.07 1.34
CA ASN A 86 2.65 11.38 1.51
C ASN A 86 1.24 11.20 1.99
N THR A 87 0.70 12.23 2.63
CA THR A 87 -0.66 12.26 3.12
C THR A 87 -1.38 13.43 2.47
N TYR A 88 -2.68 13.27 2.27
CA TYR A 88 -3.51 14.32 1.69
C TYR A 88 -4.95 14.06 2.08
N THR A 89 -5.81 15.04 1.90
CA THR A 89 -7.22 14.84 2.21
C THR A 89 -8.02 14.57 0.93
N GLY A 90 -9.21 14.03 1.12
CA GLY A 90 -9.93 13.32 0.06
C GLY A 90 -10.76 14.18 -0.86
N GLU A 91 -10.65 15.49 -0.82
CA GLU A 91 -11.36 16.33 -1.79
C GLU A 91 -10.85 16.14 -3.23
N TYR A 92 -9.62 15.67 -3.40
CA TYR A 92 -9.10 15.30 -4.72
C TYR A 92 -8.37 13.98 -4.54
N VAL A 93 -8.98 12.88 -5.01
CA VAL A 93 -8.52 11.54 -4.65
C VAL A 93 -7.38 11.08 -5.55
N ALA A 94 -7.45 11.36 -6.85
CA ALA A 94 -6.39 11.03 -7.80
C ALA A 94 -6.02 12.26 -8.60
N ASP A 95 -4.75 12.38 -8.92
CA ASP A 95 -4.29 13.45 -9.81
C ASP A 95 -3.57 12.81 -10.99
N SER A 96 -2.93 13.64 -11.79
CA SER A 96 -2.33 13.15 -13.02
C SER A 96 -1.12 12.27 -12.77
N SER A 97 -0.63 12.20 -11.54
CA SER A 97 0.45 11.29 -11.17
C SER A 97 -0.01 9.85 -11.06
N SER A 98 -1.32 9.64 -11.07
CA SER A 98 -1.90 8.31 -10.89
C SER A 98 -2.08 7.69 -12.26
N GLN A 99 -1.09 6.90 -12.69
CA GLN A 99 -1.13 6.31 -14.01
C GLN A 99 -2.28 5.31 -14.09
N GLY A 100 -3.21 5.58 -14.98
CA GLY A 100 -4.35 4.71 -15.18
C GLY A 100 -5.60 5.13 -14.44
N ALA A 101 -5.59 6.21 -13.67
CA ALA A 101 -6.76 6.55 -12.90
C ALA A 101 -7.95 6.88 -13.79
N THR A 102 -9.15 6.59 -13.28
CA THR A 102 -10.41 6.82 -13.98
C THR A 102 -11.41 7.55 -13.07
N TYR A 103 -12.23 6.79 -12.33
CA TYR A 103 -13.30 7.37 -11.53
C TYR A 103 -12.82 8.43 -10.57
N TRP A 104 -11.66 8.22 -9.95
CA TRP A 104 -11.18 9.09 -8.87
C TRP A 104 -10.57 10.38 -9.39
N LEU A 105 -10.45 10.53 -10.71
CA LEU A 105 -10.15 11.85 -11.26
C LEU A 105 -11.39 12.74 -11.26
N LYS A 106 -12.57 12.15 -11.30
CA LYS A 106 -13.82 12.89 -11.40
C LYS A 106 -14.49 13.07 -10.04
N TYR A 107 -14.66 11.98 -9.28
CA TYR A 107 -15.33 12.02 -7.99
C TYR A 107 -14.32 11.94 -6.86
N ASN A 108 -14.78 12.25 -5.64
CA ASN A 108 -13.89 12.29 -4.50
C ASN A 108 -14.55 11.69 -3.26
N LEU A 109 -13.83 11.80 -2.13
CA LEU A 109 -14.22 11.25 -0.85
C LEU A 109 -14.44 12.35 0.20
N THR A 110 -14.46 13.61 -0.24
CA THR A 110 -14.52 14.81 0.57
C THR A 110 -13.27 15.05 1.40
N ASN A 111 -13.12 16.29 1.87
CA ASN A 111 -11.98 16.69 2.67
C ASN A 111 -11.99 16.10 4.08
N GLU A 112 -13.04 15.39 4.48
CA GLU A 112 -13.03 14.71 5.77
C GLU A 112 -12.38 13.33 5.72
N THR A 113 -12.00 12.86 4.53
CA THR A 113 -11.24 11.63 4.38
C THR A 113 -9.76 11.95 4.36
N SER A 114 -8.97 11.15 5.05
CA SER A 114 -7.52 11.29 5.09
C SER A 114 -6.90 10.14 4.33
N ILE A 115 -5.99 10.45 3.41
CA ILE A 115 -5.40 9.44 2.53
C ILE A 115 -3.89 9.41 2.76
N ILE A 116 -3.35 8.19 2.86
CA ILE A 116 -1.92 7.97 2.96
C ILE A 116 -1.49 7.17 1.75
N LYS A 117 -0.59 7.74 0.95
N LYS A 117 -0.58 7.73 0.97
CA LYS A 117 0.01 7.05 -0.18
CA LYS A 117 0.00 7.04 -0.19
C LYS A 117 1.36 6.49 0.24
C LYS A 117 1.37 6.50 0.21
N VAL A 118 1.55 5.20 0.06
CA VAL A 118 2.81 4.53 0.35
C VAL A 118 3.32 3.88 -0.93
N SER A 119 4.46 4.37 -1.43
CA SER A 119 5.11 3.79 -2.59
CA SER A 119 5.15 3.85 -2.60
C SER A 119 6.36 3.04 -2.16
N ASN A 120 6.93 2.31 -3.09
CA ASN A 120 8.24 1.67 -2.85
C ASN A 120 9.32 2.76 -2.76
N SER A 121 10.46 2.36 -2.20
CA SER A 121 11.68 3.18 -2.26
C SER A 121 12.38 2.95 -3.60
N ALA A 122 13.30 3.86 -3.94
CA ALA A 122 13.98 3.71 -5.23
C ALA A 122 14.59 2.32 -5.37
N ARG A 123 15.19 1.81 -4.29
CA ARG A 123 15.70 0.45 -4.25
C ARG A 123 15.35 -0.17 -2.91
N GLY A 124 14.05 -0.33 -2.63
CA GLY A 124 13.64 -0.96 -1.40
C GLY A 124 12.26 -0.64 -0.95
N ALA A 125 12.06 -0.54 0.37
CA ALA A 125 10.75 -0.59 0.97
C ALA A 125 10.47 0.63 1.83
N ASN A 126 9.24 1.12 1.79
CA ASN A 126 8.69 2.04 2.76
C ASN A 126 7.56 1.36 3.50
N GLY A 127 7.40 1.69 4.78
CA GLY A 127 6.30 1.14 5.56
C GLY A 127 5.81 2.10 6.61
N ILE A 128 4.57 1.87 7.03
CA ILE A 128 3.97 2.59 8.13
C ILE A 128 3.34 1.61 9.11
N LYS A 129 3.21 2.06 10.37
CA LYS A 129 2.53 1.34 11.44
C LYS A 129 1.56 2.32 12.07
N ILE A 130 0.29 1.92 12.12
CA ILE A 130 -0.80 2.73 12.66
C ILE A 130 -1.36 2.04 13.90
N ALA A 131 -1.55 2.82 14.95
CA ALA A 131 -2.26 2.36 16.15
C ALA A 131 -3.75 2.44 15.87
N LEU A 132 -4.40 1.29 15.79
CA LEU A 132 -5.81 1.26 15.43
C LEU A 132 -6.69 2.07 16.40
N GLU A 133 -6.29 2.17 17.66
N GLU A 133 -6.28 2.17 17.66
CA GLU A 133 -7.09 2.93 18.61
CA GLU A 133 -7.07 2.94 18.63
C GLU A 133 -6.96 4.43 18.42
C GLU A 133 -7.05 4.43 18.34
N GLU A 134 -6.12 4.89 17.50
CA GLU A 134 -5.98 6.31 17.19
C GLU A 134 -6.79 6.74 15.98
N ILE A 135 -7.46 5.82 15.30
CA ILE A 135 -8.39 6.22 14.24
C ILE A 135 -9.60 6.85 14.92
N GLU A 136 -10.01 8.02 14.44
CA GLU A 136 -11.06 8.81 15.10
C GLU A 136 -12.39 8.71 14.35
N GLU A 137 -13.46 8.75 15.13
CA GLU A 137 -14.79 8.71 14.56
C GLU A 137 -15.00 9.87 13.58
N ASN A 138 -15.65 9.55 12.47
CA ASN A 138 -15.95 10.48 11.38
C ASN A 138 -14.71 11.01 10.68
N LYS A 139 -13.56 10.38 10.91
CA LYS A 139 -12.29 10.74 10.26
C LYS A 139 -11.67 9.48 9.66
N PRO A 140 -12.31 8.91 8.66
CA PRO A 140 -11.80 7.64 8.11
C PRO A 140 -10.48 7.86 7.37
N VAL A 141 -9.68 6.79 7.32
CA VAL A 141 -8.35 6.81 6.72
C VAL A 141 -8.30 5.77 5.62
N VAL A 142 -7.72 6.16 4.49
CA VAL A 142 -7.53 5.27 3.35
C VAL A 142 -6.04 5.20 3.06
N ILE A 143 -5.51 4.00 2.90
CA ILE A 143 -4.14 3.78 2.45
C ILE A 143 -4.20 3.31 1.01
N THR A 144 -3.44 3.97 0.13
CA THR A 144 -3.34 3.56 -1.25
C THR A 144 -1.88 3.27 -1.61
N SER A 145 -1.68 2.27 -2.44
CA SER A 145 -0.33 1.97 -2.92
CA SER A 145 -0.36 1.90 -2.96
C SER A 145 -0.09 2.46 -4.34
N GLY A 146 -1.04 3.16 -4.96
CA GLY A 146 -0.88 3.59 -6.32
C GLY A 146 -0.93 2.46 -7.31
N THR A 147 -0.33 2.71 -8.48
N THR A 147 -0.39 2.76 -8.50
CA THR A 147 -0.40 1.79 -9.60
CA THR A 147 -0.35 1.78 -9.58
C THR A 147 0.70 0.75 -9.48
C THR A 147 0.70 0.73 -9.25
N LEU A 148 0.35 -0.53 -9.43
CA LEU A 148 1.29 -1.61 -9.21
C LEU A 148 1.64 -2.22 -10.55
N THR A 149 2.95 -2.20 -10.89
CA THR A 149 3.46 -2.67 -12.16
C THR A 149 4.69 -3.56 -11.96
N GLY A 150 4.77 -4.22 -10.82
CA GLY A 150 5.82 -5.16 -10.51
C GLY A 150 6.19 -5.19 -9.05
N CYS A 151 5.83 -4.17 -8.28
CA CYS A 151 6.21 -4.10 -6.89
CA CYS A 151 6.23 -4.13 -6.88
C CYS A 151 5.28 -4.94 -6.02
N THR A 152 5.65 -5.06 -4.75
CA THR A 152 4.93 -5.88 -3.77
C THR A 152 4.39 -5.01 -2.65
N VAL A 153 3.13 -5.22 -2.30
CA VAL A 153 2.46 -4.50 -1.22
C VAL A 153 2.03 -5.49 -0.16
N VAL A 154 2.42 -5.24 1.08
CA VAL A 154 2.02 -6.02 2.25
C VAL A 154 1.12 -5.18 3.15
N PHE A 155 -0.03 -5.74 3.50
CA PHE A 155 -0.86 -5.23 4.59
C PHE A 155 -0.87 -6.29 5.67
N ALA A 156 -0.74 -5.89 6.93
CA ALA A 156 -0.69 -6.88 7.99
C ALA A 156 -1.18 -6.29 9.30
N ARG A 157 -1.68 -7.16 10.17
CA ARG A 157 -2.07 -6.74 11.51
C ARG A 157 -1.32 -7.55 12.53
N LYS A 158 -0.91 -6.90 13.62
CA LYS A 158 -0.37 -7.59 14.78
CA LYS A 158 -0.36 -7.59 14.78
C LYS A 158 -0.91 -6.87 16.01
N GLY A 159 -1.75 -7.54 16.78
CA GLY A 159 -2.34 -6.91 17.94
C GLY A 159 -3.20 -5.73 17.53
N GLU A 160 -2.96 -4.58 18.17
CA GLU A 160 -3.75 -3.39 17.92
C GLU A 160 -3.08 -2.45 16.93
N TYR A 161 -2.21 -2.98 16.08
CA TYR A 161 -1.46 -2.18 15.13
C TYR A 161 -1.63 -2.74 13.73
N PHE A 162 -1.68 -1.83 12.76
CA PHE A 162 -1.77 -2.19 11.35
C PHE A 162 -0.54 -1.69 10.62
N TYR A 163 -0.07 -2.50 9.67
CA TYR A 163 1.17 -2.25 8.95
C TYR A 163 0.90 -2.25 7.46
N ALA A 164 1.49 -1.31 6.75
CA ALA A 164 1.44 -1.28 5.28
C ALA A 164 2.86 -1.06 4.79
N VAL A 165 3.35 -1.96 3.94
CA VAL A 165 4.73 -1.92 3.45
C VAL A 165 4.71 -2.12 1.95
N HIS A 166 5.45 -1.28 1.23
CA HIS A 166 5.51 -1.34 -0.23
C HIS A 166 6.96 -1.42 -0.62
N THR A 167 7.34 -2.48 -1.33
CA THR A 167 8.72 -2.72 -1.69
C THR A 167 8.85 -2.96 -3.18
N GLY A 168 10.02 -2.62 -3.70
CA GLY A 168 10.28 -2.73 -5.12
C GLY A 168 11.41 -1.79 -5.49
N ASN A 169 11.43 -1.38 -6.75
CA ASN A 169 12.47 -0.44 -7.18
C ASN A 169 12.00 0.35 -8.37
N SER A 170 12.52 1.55 -8.51
CA SER A 170 12.22 2.43 -9.64
C SER A 170 13.31 2.43 -10.69
N GLU A 171 14.30 1.55 -10.58
CA GLU A 171 15.53 1.61 -11.36
C GLU A 171 15.64 0.46 -12.37
N SER A 172 14.52 -0.19 -12.68
CA SER A 172 14.47 -1.20 -13.73
C SER A 172 15.39 -2.37 -13.42
N LEU A 173 15.54 -2.75 -12.15
CA LEU A 173 16.59 -3.69 -11.76
C LEU A 173 16.13 -5.13 -11.98
N ILE A 174 16.97 -5.93 -12.66
CA ILE A 174 16.66 -7.33 -12.90
C ILE A 174 16.63 -8.12 -11.59
N GLY A 175 15.53 -8.83 -11.35
CA GLY A 175 15.41 -9.78 -10.24
C GLY A 175 15.35 -9.19 -8.84
N PHE A 176 15.33 -7.87 -8.69
CA PHE A 176 15.50 -7.22 -7.38
C PHE A 176 14.30 -7.45 -6.48
N THR A 177 13.12 -7.21 -7.00
CA THR A 177 11.95 -7.11 -6.12
C THR A 177 11.62 -8.40 -5.41
N SER A 178 11.83 -9.55 -6.04
CA SER A 178 11.54 -10.83 -5.42
C SER A 178 12.67 -11.35 -4.52
N THR A 179 13.77 -10.62 -4.39
CA THR A 179 14.89 -11.02 -3.54
C THR A 179 15.23 -9.88 -2.60
N SER A 180 16.02 -8.91 -3.09
CA SER A 180 16.34 -7.73 -2.29
C SER A 180 15.10 -7.00 -1.81
N GLY A 181 14.08 -6.92 -2.67
CA GLY A 181 12.87 -6.25 -2.25
C GLY A 181 12.22 -6.91 -1.05
N VAL A 182 12.24 -8.25 -1.02
CA VAL A 182 11.74 -8.99 0.13
C VAL A 182 12.57 -8.71 1.37
N ALA A 183 13.90 -8.75 1.24
CA ALA A 183 14.75 -8.46 2.38
C ALA A 183 14.47 -7.08 2.95
N LYS A 184 14.30 -6.08 2.09
CA LYS A 184 14.03 -4.74 2.57
C LYS A 184 12.67 -4.65 3.24
N ALA A 185 11.67 -5.34 2.69
CA ALA A 185 10.36 -5.36 3.33
C ALA A 185 10.43 -6.01 4.71
N ILE A 186 11.17 -7.11 4.84
CA ILE A 186 11.33 -7.77 6.13
C ILE A 186 12.05 -6.86 7.11
N GLU A 187 13.05 -6.11 6.65
CA GLU A 187 13.75 -5.18 7.53
C GLU A 187 12.79 -4.11 8.04
N VAL A 188 11.96 -3.56 7.15
CA VAL A 188 10.98 -2.55 7.55
C VAL A 188 9.94 -3.12 8.50
N LEU A 189 9.38 -4.29 8.16
CA LEU A 189 8.38 -4.93 9.01
C LEU A 189 8.96 -5.24 10.39
N SER A 190 10.21 -5.69 10.44
N SER A 190 10.21 -5.70 10.44
CA SER A 190 10.84 -6.02 11.71
CA SER A 190 10.83 -6.03 11.72
C SER A 190 11.05 -4.76 12.53
C SER A 190 11.07 -4.76 12.55
N SER A 191 11.57 -3.71 11.91
CA SER A 191 11.79 -2.45 12.62
CA SER A 191 11.79 -2.45 12.63
C SER A 191 10.47 -1.91 13.18
N LEU A 192 9.44 -1.86 12.34
CA LEU A 192 8.17 -1.28 12.76
C LEU A 192 7.53 -2.07 13.90
N SER A 193 7.70 -3.40 13.90
CA SER A 193 7.10 -4.25 14.92
C SER A 193 8.05 -4.56 16.07
N GLU A 194 9.25 -3.97 16.08
CA GLU A 194 10.24 -4.17 17.16
C GLU A 194 10.67 -5.63 17.31
N LEU A 195 10.75 -6.35 16.20
CA LEU A 195 11.24 -7.72 16.16
C LEU A 195 12.67 -7.71 15.65
N GLU A 196 13.52 -8.54 16.26
CA GLU A 196 14.86 -8.73 15.72
C GLU A 196 14.74 -9.24 14.29
N VAL A 197 15.47 -8.61 13.38
CA VAL A 197 15.44 -9.08 11.99
C VAL A 197 15.87 -10.54 12.03
N PRO A 198 15.09 -11.46 11.51
CA PRO A 198 15.44 -12.88 11.63
C PRO A 198 16.76 -13.19 10.94
N ALA A 199 17.44 -14.20 11.47
CA ALA A 199 18.54 -14.84 10.76
C ALA A 199 17.95 -15.56 9.56
N LEU A 200 18.01 -14.94 8.41
CA LEU A 200 17.31 -15.46 7.25
C LEU A 200 18.20 -16.41 6.47
N PRO A 201 17.62 -17.26 5.64
CA PRO A 201 18.44 -18.04 4.71
C PRO A 201 19.19 -17.10 3.78
N ASP A 202 20.23 -17.64 3.16
CA ASP A 202 21.01 -16.84 2.21
C ASP A 202 20.16 -16.45 1.01
N VAL A 203 19.22 -17.30 0.61
CA VAL A 203 18.29 -17.01 -0.48
C VAL A 203 16.97 -16.55 0.13
N ILE A 204 16.60 -15.32 -0.16
CA ILE A 204 15.39 -14.70 0.34
C ILE A 204 14.50 -14.41 -0.86
N ASN A 205 13.27 -14.90 -0.84
CA ASN A 205 12.38 -14.67 -1.98
C ASN A 205 10.94 -14.58 -1.48
N ASN A 206 9.96 -14.61 -2.39
CA ASN A 206 8.58 -14.34 -1.99
C ASN A 206 8.04 -15.40 -1.03
N ASN A 207 8.48 -16.65 -1.17
CA ASN A 207 8.10 -17.66 -0.19
C ASN A 207 8.60 -17.28 1.20
N THR A 208 9.81 -16.72 1.28
CA THR A 208 10.31 -16.25 2.55
C THR A 208 9.40 -15.20 3.16
N LEU A 209 8.84 -14.33 2.32
CA LEU A 209 7.97 -13.29 2.83
C LEU A 209 6.71 -13.90 3.44
N VAL A 210 6.13 -14.90 2.78
CA VAL A 210 4.96 -15.59 3.34
C VAL A 210 5.30 -16.18 4.70
N GLU A 211 6.41 -16.89 4.79
N GLU A 211 6.41 -16.90 4.78
CA GLU A 211 6.78 -17.56 6.03
CA GLU A 211 6.80 -17.56 6.03
C GLU A 211 7.02 -16.54 7.14
C GLU A 211 7.01 -16.54 7.13
N TYR A 212 7.73 -15.46 6.81
CA TYR A 212 8.01 -14.42 7.79
C TYR A 212 6.71 -13.81 8.31
N LEU A 213 5.82 -13.39 7.41
CA LEU A 213 4.57 -12.79 7.84
C LEU A 213 3.73 -13.77 8.66
N SER A 214 3.67 -15.02 8.22
CA SER A 214 2.85 -16.01 8.92
C SER A 214 3.33 -16.20 10.35
N ASP A 215 4.64 -16.24 10.54
CA ASP A 215 5.21 -16.54 11.84
C ASP A 215 5.27 -15.34 12.76
N ASN A 216 5.18 -14.13 12.24
CA ASN A 216 5.42 -12.95 13.06
C ASN A 216 4.29 -11.94 13.09
N PHE A 217 3.23 -12.13 12.30
CA PHE A 217 2.07 -11.24 12.28
C PHE A 217 0.82 -12.08 12.45
N ASP A 218 -0.23 -11.45 12.96
CA ASP A 218 -1.48 -12.15 13.17
C ASP A 218 -2.12 -12.55 11.84
N SER A 219 -2.10 -11.65 10.87
CA SER A 219 -2.64 -11.96 9.56
CA SER A 219 -2.75 -11.86 9.59
C SER A 219 -2.10 -10.93 8.58
N ALA A 220 -2.06 -11.33 7.32
CA ALA A 220 -1.42 -10.50 6.30
C ALA A 220 -2.02 -10.78 4.93
N LEU A 221 -1.80 -9.80 4.03
CA LEU A 221 -2.09 -9.90 2.61
C LEU A 221 -0.86 -9.44 1.86
N ILE A 222 -0.43 -10.24 0.89
CA ILE A 222 0.67 -9.88 -0.02
C ILE A 222 0.10 -9.76 -1.42
N SER A 223 0.29 -8.61 -2.06
CA SER A 223 -0.11 -8.40 -3.45
C SER A 223 1.18 -8.19 -4.25
N TYR A 224 1.37 -8.98 -5.30
CA TYR A 224 2.69 -9.13 -5.89
C TYR A 224 2.56 -9.53 -7.35
N SER A 225 3.70 -9.48 -8.05
CA SER A 225 3.82 -9.91 -9.44
C SER A 225 4.59 -11.22 -9.48
N SER A 226 4.10 -12.17 -10.26
CA SER A 226 4.89 -13.39 -10.44
C SER A 226 4.77 -13.94 -11.85
N SER A 227 5.76 -14.74 -12.18
CA SER A 227 5.81 -15.38 -13.49
CA SER A 227 5.86 -15.35 -13.50
C SER A 227 6.70 -16.60 -13.39
N SER A 228 6.33 -17.63 -14.15
CA SER A 228 7.07 -18.89 -14.13
CA SER A 228 7.08 -18.88 -14.11
C SER A 228 8.50 -18.71 -14.62
N LEU A 229 8.76 -17.67 -15.40
CA LEU A 229 10.11 -17.41 -15.89
C LEU A 229 11.01 -16.83 -14.82
N LYS A 230 10.45 -16.45 -13.67
CA LYS A 230 11.20 -15.85 -12.55
C LYS A 230 10.87 -16.62 -11.28
N PRO A 231 11.53 -17.77 -11.07
CA PRO A 231 11.18 -18.60 -9.91
C PRO A 231 11.11 -17.93 -8.54
N ASN A 232 12.00 -16.97 -8.24
CA ASN A 232 11.96 -16.35 -6.93
C ASN A 232 10.67 -15.56 -6.73
N SER A 233 9.98 -15.19 -7.81
CA SER A 233 8.74 -14.44 -7.68
C SER A 233 7.55 -15.32 -7.35
N MET A 234 7.64 -16.63 -7.63
CA MET A 234 6.50 -17.52 -7.49
C MET A 234 6.33 -17.94 -6.04
N ILE A 235 5.09 -17.90 -5.56
CA ILE A 235 4.75 -18.38 -4.21
C ILE A 235 4.16 -19.77 -4.36
N ASN A 236 4.82 -20.76 -3.74
CA ASN A 236 4.44 -22.17 -3.84
C ASN A 236 4.13 -22.79 -2.48
N ILE A 237 4.15 -22.00 -1.42
CA ILE A 237 3.70 -22.44 -0.11
C ILE A 237 2.44 -21.64 0.24
N SER A 238 1.73 -22.11 1.25
CA SER A 238 0.57 -21.40 1.75
C SER A 238 0.57 -21.48 3.26
N ARG A 239 0.06 -20.41 3.88
CA ARG A 239 -0.10 -20.32 5.32
C ARG A 239 -1.47 -19.74 5.62
N GLU A 240 -2.12 -20.26 6.66
CA GLU A 240 -3.54 -19.98 6.86
C GLU A 240 -3.80 -18.52 7.16
N ASN A 241 -2.82 -17.82 7.72
CA ASN A 241 -2.98 -16.43 8.09
C ASN A 241 -2.35 -15.45 7.10
N VAL A 242 -2.01 -15.91 5.89
CA VAL A 242 -1.44 -15.03 4.86
C VAL A 242 -2.23 -15.25 3.58
N SER A 243 -2.90 -14.22 3.11
CA SER A 243 -3.51 -14.25 1.80
C SER A 243 -2.54 -13.69 0.78
N THR A 244 -2.60 -14.22 -0.44
CA THR A 244 -1.70 -13.78 -1.50
C THR A 244 -2.48 -13.50 -2.76
N PHE A 245 -2.10 -12.45 -3.47
CA PHE A 245 -2.81 -11.99 -4.65
C PHE A 245 -1.79 -11.64 -5.70
N SER A 246 -1.67 -12.46 -6.73
CA SER A 246 -0.71 -12.23 -7.80
C SER A 246 -1.41 -11.39 -8.85
N TYR A 247 -1.26 -10.07 -8.78
CA TYR A 247 -1.97 -9.19 -9.70
C TYR A 247 -1.40 -9.27 -11.11
N TYR A 248 -0.13 -9.64 -11.24
CA TYR A 248 0.45 -10.04 -12.52
C TYR A 248 0.74 -11.53 -12.46
N THR A 249 0.57 -12.21 -13.60
CA THR A 249 0.83 -13.64 -13.72
C THR A 249 1.52 -13.88 -15.06
N ASP A 250 1.65 -15.16 -15.43
CA ASP A 250 2.22 -15.49 -16.74
C ASP A 250 1.42 -14.85 -17.87
N ASP A 251 0.13 -14.62 -17.66
CA ASP A 251 -0.75 -14.03 -18.66
C ASP A 251 -0.93 -12.53 -18.48
N ILE A 252 -0.99 -12.05 -17.24
CA ILE A 252 -1.32 -10.65 -16.96
C ILE A 252 -0.05 -9.91 -16.62
N GLN A 253 0.28 -8.91 -17.45
CA GLN A 253 1.51 -8.15 -17.34
C GLN A 253 1.21 -6.73 -17.83
N LEU A 254 2.20 -5.86 -17.74
CA LEU A 254 2.08 -4.55 -18.35
C LEU A 254 1.49 -4.72 -19.75
N PRO A 255 0.59 -3.82 -20.20
CA PRO A 255 0.11 -2.60 -19.55
C PRO A 255 -1.06 -2.76 -18.55
N SER A 256 -1.40 -3.99 -18.19
N SER A 256 -1.38 -4.00 -18.17
CA SER A 256 -2.31 -4.20 -17.05
CA SER A 256 -2.29 -4.22 -17.04
C SER A 256 -1.63 -3.65 -15.80
C SER A 256 -1.59 -3.80 -15.75
N PHE A 257 -2.37 -3.61 -14.69
CA PHE A 257 -1.78 -3.11 -13.47
C PHE A 257 -2.59 -3.59 -12.28
N GLY A 258 -1.96 -3.55 -11.11
CA GLY A 258 -2.61 -3.87 -9.87
C GLY A 258 -2.90 -2.64 -9.03
N THR A 259 -3.78 -2.84 -8.04
CA THR A 259 -4.08 -1.85 -7.02
C THR A 259 -4.17 -2.56 -5.67
N SER A 260 -3.86 -1.86 -4.60
CA SER A 260 -4.03 -2.46 -3.27
C SER A 260 -4.26 -1.35 -2.27
N VAL A 261 -5.40 -1.39 -1.59
CA VAL A 261 -5.84 -0.30 -0.71
C VAL A 261 -6.39 -0.88 0.58
N THR A 262 -6.39 -0.04 1.63
CA THR A 262 -7.00 -0.39 2.91
C THR A 262 -7.81 0.80 3.40
N ILE A 263 -8.96 0.52 4.05
CA ILE A 263 -9.70 1.53 4.81
C ILE A 263 -9.59 1.19 6.29
N LEU A 264 -9.47 2.23 7.11
CA LEU A 264 -9.46 2.12 8.57
C LEU A 264 -10.50 3.11 9.07
N VAL A 265 -11.53 2.59 9.75
CA VAL A 265 -12.73 3.38 10.03
C VAL A 265 -13.20 3.07 11.45
N ARG A 266 -13.29 4.10 12.27
CA ARG A 266 -13.81 3.98 13.65
C ARG A 266 -15.30 4.19 13.61
N THR A 267 -16.04 3.14 13.89
CA THR A 267 -17.49 3.26 13.88
C THR A 267 -18.02 2.26 14.86
N ASN A 268 -19.05 2.67 15.60
CA ASN A 268 -19.62 1.89 16.67
C ASN A 268 -18.54 1.40 17.64
N ASP A 269 -17.68 2.35 18.04
CA ASP A 269 -16.69 2.17 19.11
C ASP A 269 -15.66 1.07 18.80
N ASN A 270 -15.31 0.89 17.54
CA ASN A 270 -14.39 -0.16 17.13
C ASN A 270 -13.77 0.29 15.82
N THR A 271 -12.51 -0.10 15.59
CA THR A 271 -11.83 0.25 14.35
C THR A 271 -11.90 -0.91 13.37
N VAL A 272 -12.61 -0.68 12.26
N VAL A 272 -12.62 -0.73 12.27
CA VAL A 272 -12.73 -1.61 11.15
CA VAL A 272 -12.66 -1.74 11.23
C VAL A 272 -11.52 -1.42 10.24
C VAL A 272 -11.57 -1.45 10.22
N VAL A 273 -10.94 -2.52 9.75
CA VAL A 273 -9.80 -2.46 8.86
C VAL A 273 -10.08 -3.43 7.72
N ARG A 274 -10.15 -2.93 6.50
CA ARG A 274 -10.56 -3.75 5.36
C ARG A 274 -9.69 -3.42 4.17
N SER A 275 -9.14 -4.46 3.55
CA SER A 275 -8.25 -4.29 2.40
C SER A 275 -8.86 -4.86 1.14
N LEU A 276 -8.40 -4.35 0.00
CA LEU A 276 -8.90 -4.76 -1.31
C LEU A 276 -7.76 -4.66 -2.30
N SER A 277 -7.48 -5.74 -3.02
CA SER A 277 -6.52 -5.75 -4.12
C SER A 277 -7.25 -6.13 -5.39
N GLU A 278 -6.90 -5.45 -6.49
CA GLU A 278 -7.50 -5.71 -7.79
C GLU A 278 -6.41 -5.78 -8.85
N SER A 279 -6.76 -6.43 -9.95
CA SER A 279 -5.96 -6.46 -11.16
CA SER A 279 -5.94 -6.38 -11.14
C SER A 279 -6.83 -5.90 -12.28
N TYR A 280 -6.35 -4.90 -12.99
CA TYR A 280 -7.05 -4.26 -14.08
C TYR A 280 -6.36 -4.60 -15.40
N THR A 281 -7.13 -4.99 -16.41
CA THR A 281 -6.57 -5.42 -17.69
C THR A 281 -7.48 -4.95 -18.80
N MET A 282 -6.92 -4.84 -20.00
CA MET A 282 -7.70 -4.41 -21.14
C MET A 282 -8.69 -5.50 -21.53
N ASN A 283 -9.95 -5.10 -21.74
CA ASN A 283 -10.97 -6.03 -22.23
C ASN A 283 -10.79 -6.27 -23.74
N SER A 287 -11.08 -1.16 -25.35
CA SER A 287 -12.04 -0.12 -25.05
C SER A 287 -11.90 0.35 -23.62
N LYS A 288 -11.79 -0.62 -22.72
CA LYS A 288 -12.04 -0.41 -21.31
C LYS A 288 -11.09 -1.28 -20.51
N MET A 289 -10.56 -0.74 -19.43
CA MET A 289 -9.88 -1.55 -18.43
C MET A 289 -10.94 -2.20 -17.54
N VAL A 290 -10.86 -3.53 -17.38
CA VAL A 290 -11.82 -4.32 -16.62
C VAL A 290 -11.08 -4.91 -15.42
N VAL A 291 -11.82 -5.21 -14.36
CA VAL A 291 -11.25 -5.96 -13.25
C VAL A 291 -11.15 -7.41 -13.67
N PHE A 292 -9.94 -7.91 -13.73
CA PHE A 292 -9.66 -9.28 -14.08
C PHE A 292 -9.72 -10.20 -12.88
N ASN A 293 -9.21 -9.76 -11.74
CA ASN A 293 -9.23 -10.54 -10.51
C ASN A 293 -9.23 -9.58 -9.33
N VAL A 294 -9.62 -10.09 -8.16
CA VAL A 294 -9.80 -9.26 -6.98
C VAL A 294 -9.71 -10.15 -5.74
N LEU A 295 -9.25 -9.59 -4.65
CA LEU A 295 -9.23 -10.24 -3.34
C LEU A 295 -9.54 -9.18 -2.28
N GLN A 296 -10.54 -9.43 -1.45
CA GLN A 296 -10.89 -8.54 -0.34
C GLN A 296 -10.64 -9.28 0.96
N LYS A 297 -9.89 -8.67 1.87
CA LYS A 297 -9.56 -9.30 3.15
CA LYS A 297 -9.57 -9.30 3.15
C LYS A 297 -9.81 -8.31 4.28
N ASP A 298 -10.50 -8.75 5.31
CA ASP A 298 -10.69 -7.95 6.51
C ASP A 298 -9.62 -8.29 7.53
N PHE A 299 -9.25 -7.30 8.33
CA PHE A 299 -8.29 -7.49 9.41
C PHE A 299 -8.88 -7.18 10.78
MG MG B . 9.11 -3.01 -8.36
#